data_5NYE
#
_entry.id   5NYE
#
_cell.length_a   75.102
_cell.length_b   115.306
_cell.length_c   65.348
_cell.angle_alpha   90.000
_cell.angle_beta   90.000
_cell.angle_gamma   90.000
#
_symmetry.space_group_name_H-M   'C 2 2 21'
#
loop_
_entity.id
_entity.type
_entity.pdbx_description
1 polymer Amidase
2 non-polymer DI(HYDROXYETHYL)ETHER
3 non-polymer PROPIONAMIDE
4 non-polymer 'CHLORIDE ION'
5 water water
#
_entity_poly.entity_id   1
_entity_poly.type   'polypeptide(L)'
_entity_poly.pdbx_seq_one_letter_code
;MGSSHHHHHHSSGLVPRGSHMRIALMQHTARPLDPQHNLDLIDDAAARASEQGAQLLLTPELFGFGYVPSQICAQVSAEQ
VDAARSRLRGIARDRGIALVWSLPGPEGPEQRGITAELADEHGEVLASYQKVQLYGPEEKAAFVPGEQPPPVLSWGGRQL
SLLVAYDVEFPEMVRAAAARGAQLVLVPTALAGDETSVPGILLPARAVENGITLAYANHCGPEGGLVFDGGSVVVGPAGQ
PLGELGVEPGLLVVDLPDQSQDAGSDSADYLQDRRAELHRNWL
;
_entity_poly.pdbx_strand_id   A
#
loop_
_chem_comp.id
_chem_comp.type
_chem_comp.name
_chem_comp.formula
CL non-polymer 'CHLORIDE ION' 'Cl -1'
PEG non-polymer DI(HYDROXYETHYL)ETHER 'C4 H10 O3'
ROP non-polymer PROPIONAMIDE 'C3 H7 N O'
#
# COMPACT_ATOMS: atom_id res chain seq x y z
N GLY A 13 -19.91 0.20 12.58
CA GLY A 13 -21.44 0.32 12.63
C GLY A 13 -21.93 1.27 11.57
N LEU A 14 -22.99 2.05 11.87
CA LEU A 14 -23.59 2.85 10.80
C LEU A 14 -22.62 3.92 10.37
N VAL A 15 -22.72 4.31 9.12
CA VAL A 15 -21.85 5.36 8.54
C VAL A 15 -22.08 6.69 9.31
N PRO A 16 -21.01 7.34 9.79
CA PRO A 16 -21.26 8.48 10.73
C PRO A 16 -21.44 9.75 9.97
N ARG A 17 -22.27 10.64 10.52
CA ARG A 17 -22.36 12.05 10.09
C ARG A 17 -20.96 12.68 10.11
N GLY A 18 -20.59 13.36 9.04
CA GLY A 18 -19.28 14.05 8.93
C GLY A 18 -18.13 13.24 8.32
N SER A 19 -18.50 12.05 7.84
CA SER A 19 -17.57 11.12 7.17
C SER A 19 -18.29 10.59 5.96
N HIS A 20 -17.68 10.72 4.82
CA HIS A 20 -18.24 10.17 3.66
C HIS A 20 -17.15 9.25 3.13
N MET A 21 -16.05 8.93 3.89
CA MET A 21 -15.10 7.91 3.34
C MET A 21 -14.74 6.85 4.41
N ARG A 22 -15.01 5.60 4.14
CA ARG A 22 -14.69 4.51 5.06
C ARG A 22 -13.73 3.61 4.26
N ILE A 23 -12.53 3.36 4.81
CA ILE A 23 -11.52 2.51 4.16
C ILE A 23 -11.25 1.28 5.01
N ALA A 24 -10.73 0.25 4.38
CA ALA A 24 -10.39 -1.00 5.04
C ALA A 24 -8.94 -1.37 4.68
N LEU A 25 -8.25 -1.96 5.63
CA LEU A 25 -6.93 -2.51 5.40
C LEU A 25 -6.91 -3.96 5.71
N MET A 26 -6.40 -4.76 4.83
CA MET A 26 -6.25 -6.20 5.03
C MET A 26 -4.89 -6.52 5.56
N GLN A 27 -4.83 -7.19 6.69
CA GLN A 27 -3.60 -7.70 7.27
C GLN A 27 -3.70 -9.17 7.33
N HIS A 28 -2.80 -9.87 6.71
CA HIS A 28 -2.88 -11.34 6.68
C HIS A 28 -1.50 -11.91 6.38
N THR A 29 -1.46 -13.23 6.31
CA THR A 29 -0.25 -14.02 6.03
C THR A 29 -0.41 -14.63 4.66
N ALA A 30 0.52 -14.39 3.74
CA ALA A 30 0.48 -15.02 2.45
C ALA A 30 1.31 -16.31 2.40
N ARG A 31 0.98 -17.19 1.48
CA ARG A 31 1.75 -18.40 1.21
C ARG A 31 2.61 -18.16 -0.01
N PRO A 32 3.92 -18.32 0.16
CA PRO A 32 4.79 -18.08 -0.94
C PRO A 32 4.38 -18.87 -2.21
N LEU A 33 4.38 -18.20 -3.35
CA LEU A 33 4.18 -18.85 -4.64
C LEU A 33 2.84 -19.59 -4.74
N ASP A 34 1.81 -19.11 -4.00
CA ASP A 34 0.47 -19.71 -4.07
C ASP A 34 -0.56 -18.63 -4.33
N PRO A 35 -0.60 -18.03 -5.51
CA PRO A 35 -1.56 -16.98 -5.83
C PRO A 35 -3.00 -17.34 -5.68
N GLN A 36 -3.37 -18.60 -5.94
CA GLN A 36 -4.76 -18.94 -5.74
C GLN A 36 -5.14 -18.75 -4.32
N HIS A 37 -4.36 -19.25 -3.39
CA HIS A 37 -4.63 -19.10 -1.95
C HIS A 37 -4.64 -17.61 -1.60
N ASN A 38 -3.58 -16.89 -2.02
CA ASN A 38 -3.45 -15.51 -1.53
C ASN A 38 -4.51 -14.59 -2.15
N LEU A 39 -4.85 -14.78 -3.41
CA LEU A 39 -5.90 -14.00 -4.01
C LEU A 39 -7.29 -14.35 -3.44
N ASP A 40 -7.48 -15.62 -3.09
CA ASP A 40 -8.74 -15.98 -2.36
C ASP A 40 -8.80 -15.23 -1.06
N LEU A 41 -7.68 -15.03 -0.31
CA LEU A 41 -7.72 -14.24 0.87
C LEU A 41 -8.12 -12.80 0.58
N ILE A 42 -7.58 -12.17 -0.49
CA ILE A 42 -7.92 -10.78 -0.84
C ILE A 42 -9.42 -10.76 -1.21
N ASP A 43 -9.92 -11.75 -1.92
CA ASP A 43 -11.32 -11.76 -2.28
C ASP A 43 -12.19 -11.80 -1.03
N ASP A 44 -11.85 -12.63 -0.11
CA ASP A 44 -12.59 -12.73 1.16
C ASP A 44 -12.57 -11.39 1.89
N ALA A 45 -11.40 -10.77 2.00
CA ALA A 45 -11.35 -9.49 2.62
C ALA A 45 -12.11 -8.40 1.94
N ALA A 46 -12.12 -8.41 0.60
CA ALA A 46 -12.84 -7.43 -0.23
C ALA A 46 -14.36 -7.58 0.09
N ALA A 47 -14.84 -8.81 0.14
CA ALA A 47 -16.25 -9.08 0.44
C ALA A 47 -16.53 -8.59 1.82
N ARG A 48 -15.74 -8.90 2.80
CA ARG A 48 -16.01 -8.46 4.13
C ARG A 48 -15.98 -6.95 4.33
N ALA A 49 -14.98 -6.34 3.69
CA ALA A 49 -14.90 -4.91 3.73
C ALA A 49 -16.13 -4.25 3.13
N SER A 50 -16.57 -4.73 1.99
CA SER A 50 -17.75 -4.16 1.34
C SER A 50 -19.00 -4.32 2.22
N GLU A 51 -19.12 -5.49 2.83
CA GLU A 51 -20.24 -5.71 3.78
C GLU A 51 -20.29 -4.74 4.89
N GLN A 52 -19.10 -4.28 5.34
CA GLN A 52 -19.01 -3.37 6.43
C GLN A 52 -19.06 -1.90 5.98
N GLY A 53 -19.31 -1.67 4.73
CA GLY A 53 -19.56 -0.34 4.14
C GLY A 53 -18.28 0.35 3.75
N ALA A 54 -17.16 -0.40 3.70
CA ALA A 54 -15.93 0.23 3.21
C ALA A 54 -16.01 0.44 1.73
N GLN A 55 -15.44 1.56 1.24
CA GLN A 55 -15.40 1.86 -0.13
C GLN A 55 -14.09 1.56 -0.83
N LEU A 56 -13.06 1.20 -0.05
CA LEU A 56 -11.76 0.89 -0.63
C LEU A 56 -11.11 -0.08 0.32
N LEU A 57 -10.39 -1.08 -0.22
CA LEU A 57 -9.58 -1.98 0.55
C LEU A 57 -8.12 -1.85 0.10
N LEU A 58 -7.24 -1.66 1.07
CA LEU A 58 -5.78 -1.66 0.85
C LEU A 58 -5.19 -3.00 1.30
N THR A 59 -4.35 -3.60 0.47
CA THR A 59 -3.78 -4.91 0.81
C THR A 59 -2.24 -4.79 0.76
N PRO A 60 -1.51 -5.79 1.27
CA PRO A 60 -0.06 -5.62 1.54
C PRO A 60 0.82 -5.85 0.34
N GLU A 61 2.12 -5.50 0.55
CA GLU A 61 3.09 -5.55 -0.56
C GLU A 61 3.34 -6.97 -1.07
N LEU A 62 3.28 -7.14 -2.38
CA LEU A 62 3.56 -8.43 -2.99
C LEU A 62 2.65 -9.51 -2.44
N PHE A 63 1.44 -9.19 -1.96
CA PHE A 63 0.68 -10.25 -1.25
C PHE A 63 0.34 -11.46 -2.14
N GLY A 64 0.11 -11.27 -3.40
CA GLY A 64 -0.41 -12.24 -4.26
C GLY A 64 0.53 -13.40 -4.43
N PHE A 65 1.84 -13.13 -4.43
CA PHE A 65 2.81 -14.20 -4.56
C PHE A 65 3.61 -14.49 -3.31
N GLY A 66 3.26 -13.77 -2.24
CA GLY A 66 4.03 -13.77 -1.03
C GLY A 66 5.25 -12.84 -1.14
N TYR A 67 5.73 -12.40 -0.01
CA TYR A 67 6.96 -11.57 0.00
C TYR A 67 8.12 -12.49 -0.06
N VAL A 68 8.49 -12.87 -1.29
CA VAL A 68 9.65 -13.80 -1.55
C VAL A 68 10.38 -13.30 -2.78
N PRO A 69 11.08 -12.13 -2.65
CA PRO A 69 11.66 -11.50 -3.83
C PRO A 69 12.51 -12.46 -4.72
N SER A 70 13.46 -13.15 -4.12
CA SER A 70 14.34 -14.00 -4.92
C SER A 70 13.53 -15.08 -5.69
N GLN A 71 12.49 -15.64 -5.05
CA GLN A 71 11.68 -16.63 -5.68
C GLN A 71 10.74 -16.12 -6.72
N ILE A 72 10.29 -14.89 -6.56
CA ILE A 72 9.51 -14.23 -7.57
C ILE A 72 10.37 -14.07 -8.84
N CYS A 73 11.61 -13.58 -8.67
CA CYS A 73 12.53 -13.39 -9.78
C CYS A 73 12.79 -14.75 -10.45
N ALA A 74 12.98 -15.78 -9.67
CA ALA A 74 13.39 -17.09 -10.27
C ALA A 74 12.26 -17.81 -10.86
N GLN A 75 11.02 -17.70 -10.32
CA GLN A 75 9.94 -18.64 -10.61
C GLN A 75 8.68 -18.09 -11.16
N VAL A 76 8.41 -16.77 -11.03
CA VAL A 76 7.13 -16.25 -11.38
C VAL A 76 7.21 -15.54 -12.72
N SER A 77 6.54 -16.05 -13.74
CA SER A 77 6.53 -15.51 -15.03
C SER A 77 5.70 -14.29 -15.17
N ALA A 78 5.94 -13.54 -16.25
CA ALA A 78 5.10 -12.42 -16.57
C ALA A 78 3.67 -12.85 -16.83
N GLU A 79 3.44 -14.03 -17.50
CA GLU A 79 2.06 -14.47 -17.67
C GLU A 79 1.36 -14.78 -16.35
N GLN A 80 2.07 -15.33 -15.41
CA GLN A 80 1.53 -15.59 -14.05
C GLN A 80 1.17 -14.28 -13.32
N VAL A 81 2.05 -13.26 -13.46
CA VAL A 81 1.69 -11.97 -12.90
C VAL A 81 0.43 -11.39 -13.52
N ASP A 82 0.30 -11.42 -14.85
CA ASP A 82 -0.85 -10.86 -15.51
C ASP A 82 -2.15 -11.58 -15.11
N ALA A 83 -2.04 -12.88 -14.96
CA ALA A 83 -3.18 -13.70 -14.49
C ALA A 83 -3.64 -13.24 -13.10
N ALA A 84 -2.66 -13.00 -12.22
CA ALA A 84 -3.01 -12.43 -10.89
C ALA A 84 -3.61 -11.10 -10.95
N ARG A 85 -3.05 -10.22 -11.78
CA ARG A 85 -3.58 -8.89 -11.94
C ARG A 85 -5.02 -8.89 -12.43
N SER A 86 -5.28 -9.80 -13.39
CA SER A 86 -6.64 -9.88 -13.94
CA SER A 86 -6.64 -9.95 -13.96
C SER A 86 -7.63 -10.36 -12.87
N ARG A 87 -7.21 -11.29 -12.02
CA ARG A 87 -8.05 -11.73 -10.96
C ARG A 87 -8.34 -10.61 -10.01
N LEU A 88 -7.32 -9.85 -9.64
CA LEU A 88 -7.54 -8.70 -8.74
C LEU A 88 -8.46 -7.64 -9.29
N ARG A 89 -8.34 -7.38 -10.59
CA ARG A 89 -9.21 -6.39 -11.23
C ARG A 89 -10.64 -6.89 -11.09
N GLY A 90 -10.82 -8.19 -11.32
CA GLY A 90 -12.11 -8.86 -11.20
C GLY A 90 -12.68 -8.84 -9.79
N ILE A 91 -11.79 -8.89 -8.77
CA ILE A 91 -12.24 -8.76 -7.39
C ILE A 91 -12.81 -7.40 -7.07
N ALA A 92 -12.13 -6.36 -7.50
CA ALA A 92 -12.58 -5.03 -7.36
C ALA A 92 -13.97 -4.83 -7.96
N ARG A 93 -14.06 -5.33 -9.19
CA ARG A 93 -15.39 -5.25 -9.89
C ARG A 93 -16.43 -6.10 -9.20
N ASP A 94 -16.16 -7.33 -8.90
CA ASP A 94 -17.20 -8.27 -8.44
C ASP A 94 -17.61 -8.08 -6.99
N ARG A 95 -16.68 -7.55 -6.17
CA ARG A 95 -16.97 -7.17 -4.79
C ARG A 95 -17.33 -5.74 -4.62
N GLY A 96 -17.35 -4.97 -5.72
CA GLY A 96 -17.80 -3.61 -5.75
C GLY A 96 -17.12 -2.71 -4.76
N ILE A 97 -15.76 -2.79 -4.74
CA ILE A 97 -14.96 -2.00 -3.84
C ILE A 97 -13.65 -1.58 -4.54
N ALA A 98 -13.24 -0.34 -4.31
CA ALA A 98 -11.93 0.04 -4.82
C ALA A 98 -10.86 -0.84 -4.09
N LEU A 99 -9.76 -1.09 -4.80
CA LEU A 99 -8.79 -2.09 -4.34
C LEU A 99 -7.42 -1.57 -4.64
N VAL A 100 -6.54 -1.61 -3.65
CA VAL A 100 -5.13 -1.36 -3.91
C VAL A 100 -4.40 -2.64 -3.67
N TRP A 101 -3.68 -3.07 -4.68
CA TRP A 101 -2.85 -4.27 -4.58
C TRP A 101 -1.42 -3.96 -4.94
N SER A 102 -0.55 -4.95 -4.71
CA SER A 102 0.84 -4.81 -5.07
C SER A 102 1.36 -6.14 -5.63
N LEU A 103 1.88 -6.07 -6.85
CA LEU A 103 2.36 -7.23 -7.58
C LEU A 103 3.74 -6.86 -8.15
N PRO A 104 4.47 -7.88 -8.62
CA PRO A 104 5.51 -7.52 -9.55
C PRO A 104 4.94 -6.75 -10.70
N GLY A 105 5.74 -5.97 -11.37
CA GLY A 105 5.41 -5.27 -12.54
C GLY A 105 5.21 -6.24 -13.71
N PRO A 106 4.87 -5.63 -14.80
CA PRO A 106 4.30 -6.57 -15.99
C PRO A 106 5.40 -7.01 -16.89
N GLU A 107 6.58 -6.48 -16.83
CA GLU A 107 7.67 -6.85 -17.74
C GLU A 107 8.27 -8.15 -17.40
N GLY A 108 9.27 -8.59 -18.19
CA GLY A 108 9.86 -9.80 -17.85
C GLY A 108 10.56 -9.84 -16.47
N PRO A 109 10.89 -11.01 -15.93
CA PRO A 109 11.44 -11.11 -14.58
C PRO A 109 12.64 -10.29 -14.34
N GLU A 110 13.44 -10.02 -15.39
CA GLU A 110 14.66 -9.24 -15.22
C GLU A 110 14.49 -7.76 -15.37
N GLN A 111 13.31 -7.32 -15.75
CA GLN A 111 13.06 -5.96 -16.12
C GLN A 111 11.99 -5.30 -15.29
N ARG A 112 11.36 -6.03 -14.39
CA ARG A 112 10.18 -5.45 -13.68
C ARG A 112 10.53 -5.06 -12.27
N GLY A 113 9.65 -4.21 -11.70
CA GLY A 113 9.81 -3.81 -10.32
C GLY A 113 8.74 -4.30 -9.44
N ILE A 114 8.64 -3.73 -8.24
CA ILE A 114 7.47 -3.96 -7.35
C ILE A 114 6.49 -2.86 -7.54
N THR A 115 5.24 -3.16 -7.71
CA THR A 115 4.24 -2.13 -8.04
C THR A 115 3.11 -2.03 -7.08
N ALA A 116 2.35 -0.95 -7.14
CA ALA A 116 1.05 -0.88 -6.44
C ALA A 116 0.11 -0.32 -7.48
N GLU A 117 -1.13 -0.75 -7.45
CA GLU A 117 -2.13 -0.25 -8.37
C GLU A 117 -3.42 -0.04 -7.61
N LEU A 118 -4.18 0.97 -8.04
CA LEU A 118 -5.53 1.24 -7.48
C LEU A 118 -6.57 0.97 -8.59
N ALA A 119 -7.48 0.07 -8.34
CA ALA A 119 -8.69 -0.08 -9.16
C ALA A 119 -9.85 0.47 -8.42
N ASP A 120 -10.77 1.10 -9.18
CA ASP A 120 -12.00 1.54 -8.57
C ASP A 120 -13.03 0.38 -8.47
N GLU A 121 -14.18 0.75 -7.90
CA GLU A 121 -15.18 -0.25 -7.63
C GLU A 121 -15.82 -0.80 -8.86
N HIS A 122 -15.54 -0.25 -10.02
CA HIS A 122 -15.95 -0.79 -11.27
C HIS A 122 -14.90 -1.60 -11.90
N GLY A 123 -13.75 -1.80 -11.24
CA GLY A 123 -12.68 -2.50 -11.81
C GLY A 123 -11.78 -1.67 -12.75
N GLU A 124 -11.97 -0.34 -12.88
CA GLU A 124 -11.07 0.43 -13.78
CA GLU A 124 -11.07 0.43 -13.77
C GLU A 124 -9.73 0.69 -13.00
N VAL A 125 -8.56 0.44 -13.64
CA VAL A 125 -7.29 0.85 -13.02
C VAL A 125 -7.05 2.27 -13.11
N LEU A 126 -7.14 2.99 -12.01
CA LEU A 126 -6.99 4.44 -11.97
C LEU A 126 -5.56 4.87 -11.91
N ALA A 127 -4.69 4.08 -11.21
CA ALA A 127 -3.31 4.53 -11.05
C ALA A 127 -2.40 3.34 -10.81
N SER A 128 -1.14 3.49 -11.25
CA SER A 128 -0.18 2.49 -11.16
C SER A 128 1.13 3.13 -10.74
N TYR A 129 1.95 2.44 -9.95
CA TYR A 129 3.15 3.02 -9.38
C TYR A 129 4.18 1.93 -9.16
N GLN A 130 5.43 2.27 -9.43
CA GLN A 130 6.51 1.33 -9.24
C GLN A 130 7.42 1.82 -8.08
N LYS A 131 7.59 0.97 -7.05
CA LYS A 131 8.42 1.24 -5.87
C LYS A 131 9.77 1.85 -6.24
N VAL A 132 10.05 3.03 -5.73
CA VAL A 132 11.31 3.77 -6.03
C VAL A 132 12.45 3.32 -5.14
N GLN A 133 12.12 3.08 -3.85
CA GLN A 133 13.10 2.75 -2.82
C GLN A 133 13.06 1.30 -2.48
N LEU A 134 13.87 0.50 -3.13
CA LEU A 134 13.94 -0.96 -2.88
C LEU A 134 14.68 -1.19 -1.56
N TYR A 135 14.26 -2.22 -0.79
CA TYR A 135 14.80 -2.50 0.47
C TYR A 135 15.69 -3.72 0.45
N GLY A 136 17.00 -3.50 0.68
CA GLY A 136 17.90 -4.59 0.89
C GLY A 136 18.37 -5.29 -0.38
N PRO A 137 19.39 -6.18 -0.21
CA PRO A 137 19.97 -6.73 -1.39
C PRO A 137 19.10 -7.73 -2.13
N GLU A 138 18.17 -8.42 -1.40
CA GLU A 138 17.32 -9.36 -2.15
CA GLU A 138 17.29 -9.35 -2.12
C GLU A 138 16.31 -8.65 -3.09
N GLU A 139 15.68 -7.55 -2.58
CA GLU A 139 14.85 -6.79 -3.46
C GLU A 139 15.66 -6.23 -4.66
N LYS A 140 16.84 -5.73 -4.36
CA LYS A 140 17.63 -5.11 -5.45
C LYS A 140 18.19 -6.14 -6.37
N ALA A 141 18.25 -7.38 -6.00
CA ALA A 141 18.63 -8.47 -6.93
C ALA A 141 17.46 -8.92 -7.78
N ALA A 142 16.21 -8.79 -7.26
CA ALA A 142 15.04 -9.30 -7.89
C ALA A 142 14.21 -8.34 -8.72
N PHE A 143 14.39 -7.02 -8.49
CA PHE A 143 13.55 -6.01 -9.04
C PHE A 143 14.31 -4.77 -9.48
N VAL A 144 13.75 -4.07 -10.43
CA VAL A 144 14.23 -2.79 -10.96
C VAL A 144 13.56 -1.65 -10.21
N PRO A 145 14.31 -0.68 -9.71
CA PRO A 145 13.63 0.41 -8.98
C PRO A 145 12.84 1.30 -9.89
N GLY A 146 11.73 1.86 -9.43
CA GLY A 146 10.93 2.84 -10.15
C GLY A 146 11.72 4.18 -10.27
N GLU A 147 11.28 4.93 -11.31
CA GLU A 147 11.91 6.20 -11.64
C GLU A 147 10.93 7.32 -11.71
N GLN A 148 9.68 7.12 -11.30
CA GLN A 148 8.63 8.12 -11.45
C GLN A 148 8.06 8.49 -10.08
N PRO A 149 7.61 9.73 -9.93
CA PRO A 149 7.08 10.13 -8.66
C PRO A 149 5.72 9.47 -8.39
N PRO A 150 5.26 9.50 -7.14
CA PRO A 150 3.99 8.86 -6.80
C PRO A 150 2.82 9.52 -7.53
N PRO A 151 1.82 8.80 -7.92
CA PRO A 151 0.67 9.40 -8.64
C PRO A 151 -0.23 9.95 -7.59
N VAL A 152 -1.03 10.95 -7.98
CA VAL A 152 -2.03 11.54 -7.13
C VAL A 152 -3.30 11.70 -7.90
N LEU A 153 -4.42 11.26 -7.39
CA LEU A 153 -5.69 11.34 -8.12
C LEU A 153 -6.87 11.50 -7.26
N SER A 154 -7.94 12.13 -7.83
CA SER A 154 -9.19 12.24 -7.13
C SER A 154 -9.95 10.93 -7.03
N TRP A 155 -10.37 10.59 -5.82
CA TRP A 155 -11.30 9.45 -5.64
C TRP A 155 -11.98 9.66 -4.38
N GLY A 156 -13.32 9.46 -4.44
CA GLY A 156 -14.08 9.57 -3.20
C GLY A 156 -14.11 10.90 -2.52
N GLY A 157 -13.86 11.97 -3.25
CA GLY A 157 -13.77 13.28 -2.75
C GLY A 157 -12.46 13.78 -2.16
N ARG A 158 -11.41 12.97 -2.32
CA ARG A 158 -10.10 13.41 -1.87
C ARG A 158 -9.07 13.03 -2.90
N GLN A 159 -7.87 13.55 -2.65
CA GLN A 159 -6.72 13.22 -3.48
C GLN A 159 -5.91 12.07 -2.84
N LEU A 160 -5.90 10.97 -3.50
CA LEU A 160 -5.21 9.71 -3.04
C LEU A 160 -3.91 9.63 -3.74
N SER A 161 -2.92 8.92 -3.09
CA SER A 161 -1.65 8.63 -3.68
C SER A 161 -1.21 7.22 -3.23
N LEU A 162 -0.21 6.69 -3.87
CA LEU A 162 0.37 5.38 -3.64
C LEU A 162 1.83 5.49 -3.38
N LEU A 163 2.28 4.75 -2.38
CA LEU A 163 3.70 4.49 -2.16
C LEU A 163 3.81 3.04 -1.71
N VAL A 164 5.01 2.43 -1.74
CA VAL A 164 5.16 1.06 -1.35
C VAL A 164 6.20 0.89 -0.28
N ALA A 165 5.78 0.35 0.85
CA ALA A 165 6.72 -0.12 1.88
C ALA A 165 7.83 0.89 2.25
N TYR A 166 9.07 0.49 2.02
CA TYR A 166 10.27 1.29 2.36
C TYR A 166 10.15 2.71 1.87
N ASP A 167 9.45 2.95 0.76
CA ASP A 167 9.28 4.32 0.25
C ASP A 167 8.86 5.28 1.36
N VAL A 168 7.92 4.87 2.21
CA VAL A 168 7.30 5.79 3.16
C VAL A 168 8.29 6.20 4.26
N GLU A 169 9.35 5.48 4.44
CA GLU A 169 10.37 5.80 5.43
C GLU A 169 11.23 6.95 5.00
N PHE A 170 11.14 7.35 3.76
CA PHE A 170 11.85 8.53 3.23
C PHE A 170 10.96 9.71 3.21
N PRO A 171 11.26 10.75 3.96
CA PRO A 171 10.43 11.89 3.92
C PRO A 171 10.24 12.47 2.52
N GLU A 172 11.27 12.35 1.67
CA GLU A 172 11.17 12.87 0.31
C GLU A 172 10.07 12.24 -0.46
N MET A 173 9.80 10.95 -0.21
CA MET A 173 8.78 10.24 -1.02
C MET A 173 7.39 10.71 -0.68
N VAL A 174 7.08 10.88 0.61
CA VAL A 174 5.83 11.39 1.05
C VAL A 174 5.65 12.81 0.67
N ARG A 175 6.71 13.59 0.78
CA ARG A 175 6.64 15.00 0.35
C ARG A 175 6.38 15.06 -1.15
N ALA A 176 6.97 14.19 -1.95
CA ALA A 176 6.68 14.16 -3.39
C ALA A 176 5.19 13.96 -3.63
N ALA A 177 4.56 13.12 -2.87
CA ALA A 177 3.12 12.93 -3.04
C ALA A 177 2.34 14.15 -2.57
N ALA A 178 2.64 14.65 -1.42
CA ALA A 178 1.92 15.82 -0.90
C ALA A 178 2.12 17.05 -1.78
N ALA A 179 3.27 17.22 -2.39
CA ALA A 179 3.56 18.36 -3.27
C ALA A 179 2.63 18.31 -4.50
N ARG A 180 2.19 17.12 -4.90
CA ARG A 180 1.27 16.91 -6.08
C ARG A 180 -0.16 16.99 -5.58
N GLY A 181 -0.41 17.25 -4.29
CA GLY A 181 -1.78 17.42 -3.77
C GLY A 181 -2.34 16.29 -2.95
N ALA A 182 -1.53 15.27 -2.68
CA ALA A 182 -2.08 14.14 -1.94
C ALA A 182 -2.59 14.49 -0.60
N GLN A 183 -3.72 13.88 -0.25
CA GLN A 183 -4.33 14.04 1.06
C GLN A 183 -4.31 12.71 1.81
N LEU A 184 -4.41 11.65 1.07
CA LEU A 184 -4.55 10.24 1.58
C LEU A 184 -3.54 9.39 0.85
N VAL A 185 -2.49 8.92 1.57
CA VAL A 185 -1.46 8.12 0.97
C VAL A 185 -1.58 6.66 1.43
N LEU A 186 -1.76 5.77 0.45
CA LEU A 186 -2.01 4.38 0.68
C LEU A 186 -0.79 3.51 0.41
N VAL A 187 -0.41 2.72 1.42
CA VAL A 187 0.93 2.12 1.39
C VAL A 187 0.80 0.64 1.73
N PRO A 188 0.78 -0.23 0.69
CA PRO A 188 1.07 -1.66 0.91
C PRO A 188 2.49 -1.82 1.50
N THR A 189 2.63 -2.70 2.49
CA THR A 189 3.97 -2.94 3.02
C THR A 189 4.21 -4.39 3.36
N ALA A 190 5.43 -4.64 3.74
CA ALA A 190 5.90 -5.95 4.19
C ALA A 190 7.01 -5.70 5.16
N LEU A 191 6.67 -5.59 6.40
CA LEU A 191 7.61 -5.08 7.47
C LEU A 191 7.73 -6.19 8.50
N ALA A 192 8.97 -6.74 8.61
CA ALA A 192 9.30 -7.81 9.53
C ALA A 192 10.45 -7.39 10.43
N GLY A 193 10.61 -8.19 11.49
CA GLY A 193 11.76 -7.94 12.36
C GLY A 193 11.55 -7.00 13.49
N ASP A 194 10.29 -6.83 13.87
CA ASP A 194 9.88 -6.03 15.05
C ASP A 194 10.44 -4.59 14.93
N GLU A 195 10.18 -3.98 13.77
CA GLU A 195 10.64 -2.69 13.47
C GLU A 195 9.65 -1.64 13.92
N THR A 196 9.59 -1.43 15.22
CA THR A 196 8.59 -0.59 15.82
C THR A 196 8.70 0.85 15.37
N SER A 197 9.87 1.29 14.99
CA SER A 197 10.08 2.67 14.73
C SER A 197 9.36 3.10 13.45
N VAL A 198 9.00 2.17 12.55
CA VAL A 198 8.35 2.60 11.34
C VAL A 198 6.97 3.10 11.57
N PRO A 199 6.08 2.28 12.13
CA PRO A 199 4.76 2.76 12.50
C PRO A 199 4.75 3.60 13.74
N GLY A 200 5.69 3.47 14.63
CA GLY A 200 5.69 4.16 15.88
C GLY A 200 6.24 5.59 15.81
N ILE A 201 7.21 5.80 14.95
CA ILE A 201 7.95 7.05 14.90
C ILE A 201 7.88 7.71 13.52
N LEU A 202 8.16 6.91 12.48
CA LEU A 202 8.20 7.53 11.15
C LEU A 202 6.82 7.87 10.60
N LEU A 203 5.83 6.96 10.63
CA LEU A 203 4.54 7.25 10.04
C LEU A 203 3.89 8.47 10.63
N PRO A 204 3.86 8.63 11.99
CA PRO A 204 3.26 9.82 12.58
C PRO A 204 3.89 11.08 12.06
N ALA A 205 5.21 11.08 11.89
CA ALA A 205 5.87 12.28 11.34
C ALA A 205 5.51 12.53 9.91
N ARG A 206 5.44 11.46 9.09
CA ARG A 206 5.09 11.69 7.72
C ARG A 206 3.73 12.34 7.60
N ALA A 207 2.81 11.97 8.47
CA ALA A 207 1.49 12.59 8.51
C ALA A 207 1.51 14.01 8.96
N VAL A 208 2.19 14.27 10.07
CA VAL A 208 2.22 15.63 10.59
C VAL A 208 2.95 16.60 9.65
N GLU A 209 4.12 16.16 9.14
CA GLU A 209 5.02 17.05 8.44
C GLU A 209 4.41 17.49 7.08
N ASN A 210 3.43 16.75 6.56
CA ASN A 210 2.71 17.08 5.35
C ASN A 210 1.28 17.47 5.56
N GLY A 211 0.70 17.24 6.74
CA GLY A 211 -0.73 17.36 6.97
C GLY A 211 -1.60 16.42 6.23
N ILE A 212 -1.24 15.14 6.22
CA ILE A 212 -1.95 14.14 5.43
C ILE A 212 -2.34 12.99 6.33
N THR A 213 -3.15 12.12 5.75
CA THR A 213 -3.47 10.82 6.35
C THR A 213 -2.74 9.74 5.60
N LEU A 214 -2.26 8.73 6.30
CA LEU A 214 -1.50 7.65 5.66
C LEU A 214 -2.14 6.36 6.11
N ALA A 215 -2.27 5.34 5.26
CA ALA A 215 -2.71 3.99 5.60
C ALA A 215 -1.66 3.00 5.21
N TYR A 216 -1.33 2.11 6.10
CA TYR A 216 -0.15 1.24 6.02
C TYR A 216 -0.60 -0.21 6.33
N ALA A 217 -0.65 -1.06 5.30
CA ALA A 217 -1.25 -2.40 5.36
C ALA A 217 -0.14 -3.44 5.26
N ASN A 218 0.14 -4.12 6.36
CA ASN A 218 1.25 -5.07 6.49
C ASN A 218 0.75 -6.49 6.43
N HIS A 219 1.68 -7.40 6.06
CA HIS A 219 1.62 -8.80 6.41
C HIS A 219 1.71 -8.98 7.94
N CYS A 220 1.34 -10.18 8.35
CA CYS A 220 1.57 -10.60 9.72
C CYS A 220 1.90 -12.10 9.78
N GLY A 221 2.66 -12.43 10.81
CA GLY A 221 2.91 -13.86 10.97
C GLY A 221 4.04 -14.40 10.08
N PRO A 222 4.28 -15.72 10.24
CA PRO A 222 5.35 -16.47 9.53
CA PRO A 222 5.50 -16.10 9.50
C PRO A 222 5.10 -16.47 8.03
N GLU A 223 5.98 -15.96 7.19
CA GLU A 223 5.84 -16.02 5.75
C GLU A 223 7.21 -15.90 5.13
N GLY A 224 7.56 -16.92 4.28
CA GLY A 224 8.79 -16.84 3.50
C GLY A 224 10.10 -16.69 4.30
N GLY A 225 10.09 -17.27 5.49
CA GLY A 225 11.27 -17.20 6.35
C GLY A 225 11.40 -16.05 7.31
N LEU A 226 10.42 -15.12 7.24
CA LEU A 226 10.34 -13.93 8.07
C LEU A 226 9.06 -14.05 8.92
N VAL A 227 9.08 -13.25 10.00
CA VAL A 227 7.88 -13.06 10.83
C VAL A 227 7.49 -11.59 10.77
N PHE A 228 6.34 -11.41 10.03
CA PHE A 228 5.94 -10.04 9.79
C PHE A 228 5.27 -9.47 11.03
N ASP A 229 5.42 -8.18 11.16
CA ASP A 229 5.07 -7.42 12.40
C ASP A 229 3.56 -7.20 12.56
N GLY A 230 2.77 -7.32 11.52
CA GLY A 230 1.39 -6.77 11.58
C GLY A 230 1.52 -5.25 11.86
N GLY A 231 0.70 -4.79 12.81
CA GLY A 231 0.71 -3.40 13.16
C GLY A 231 0.17 -2.46 12.09
N SER A 232 -0.64 -2.97 11.21
CA SER A 232 -1.33 -2.10 10.19
C SER A 232 -2.01 -0.98 10.87
N VAL A 233 -1.98 0.19 10.25
CA VAL A 233 -2.44 1.41 10.96
C VAL A 233 -2.84 2.48 9.94
N VAL A 234 -3.83 3.28 10.35
CA VAL A 234 -4.18 4.49 9.64
C VAL A 234 -3.82 5.64 10.54
N VAL A 235 -3.00 6.57 10.06
CA VAL A 235 -2.54 7.73 10.88
C VAL A 235 -3.11 8.98 10.28
N GLY A 236 -3.76 9.81 11.11
CA GLY A 236 -4.31 11.07 10.68
C GLY A 236 -3.31 12.21 10.70
N PRO A 237 -3.73 13.38 10.25
CA PRO A 237 -2.83 14.49 10.08
C PRO A 237 -2.23 15.07 11.33
N ALA A 238 -2.76 14.75 12.51
CA ALA A 238 -2.12 15.04 13.76
C ALA A 238 -1.15 14.06 14.26
N GLY A 239 -0.93 13.02 13.41
CA GLY A 239 -0.08 11.93 13.78
C GLY A 239 -0.59 10.82 14.72
N GLN A 240 -1.88 10.87 14.94
CA GLN A 240 -2.55 9.94 15.86
C GLN A 240 -3.10 8.76 15.09
N PRO A 241 -3.09 7.60 15.67
CA PRO A 241 -3.71 6.45 14.99
C PRO A 241 -5.21 6.57 14.96
N LEU A 242 -5.82 6.52 13.81
CA LEU A 242 -7.26 6.45 13.69
C LEU A 242 -7.74 5.03 13.90
N GLY A 243 -6.91 4.07 13.65
CA GLY A 243 -7.19 2.63 13.90
C GLY A 243 -5.90 1.90 13.73
N GLU A 244 -5.79 0.75 14.37
CA GLU A 244 -4.57 -0.05 14.33
C GLU A 244 -4.88 -1.47 14.63
N LEU A 245 -4.10 -2.36 14.03
CA LEU A 245 -4.15 -3.78 14.39
C LEU A 245 -2.91 -4.21 15.17
N GLY A 246 -3.03 -5.42 15.78
CA GLY A 246 -1.90 -6.07 16.42
C GLY A 246 -1.16 -7.01 15.50
N VAL A 247 -0.81 -8.20 15.97
CA VAL A 247 0.02 -9.11 15.18
C VAL A 247 -0.71 -10.21 14.46
N GLU A 248 -2.02 -10.28 14.59
CA GLU A 248 -2.81 -11.31 13.98
C GLU A 248 -3.55 -10.91 12.76
N PRO A 249 -4.00 -11.81 11.93
CA PRO A 249 -4.75 -11.43 10.75
C PRO A 249 -5.96 -10.62 11.13
N GLY A 250 -6.28 -9.62 10.32
CA GLY A 250 -7.46 -8.82 10.62
C GLY A 250 -7.82 -7.90 9.53
N LEU A 251 -8.96 -7.26 9.67
CA LEU A 251 -9.49 -6.34 8.69
C LEU A 251 -9.81 -5.06 9.43
N LEU A 252 -8.96 -4.03 9.24
CA LEU A 252 -9.08 -2.73 9.93
C LEU A 252 -9.99 -1.84 9.10
N VAL A 253 -11.10 -1.35 9.71
CA VAL A 253 -12.00 -0.49 9.02
C VAL A 253 -12.09 0.82 9.72
N VAL A 254 -11.85 1.93 8.98
CA VAL A 254 -11.74 3.26 9.61
C VAL A 254 -12.56 4.23 8.83
N ASP A 255 -13.37 5.03 9.57
CA ASP A 255 -13.97 6.21 8.96
C ASP A 255 -13.02 7.43 8.98
N LEU A 256 -12.80 8.05 7.86
CA LEU A 256 -11.97 9.27 7.82
C LEU A 256 -12.96 10.49 7.96
N PRO A 257 -12.55 11.50 8.67
CA PRO A 257 -13.41 12.72 8.82
C PRO A 257 -13.41 13.69 7.68
N ALA A 268 0.95 24.43 11.31
CA ALA A 268 1.93 25.11 10.43
C ALA A 268 1.69 24.64 9.02
N ASP A 269 1.92 25.56 8.09
CA ASP A 269 1.83 25.31 6.67
C ASP A 269 3.17 24.95 6.09
N TYR A 270 3.53 23.71 6.45
CA TYR A 270 4.74 23.17 5.96
C TYR A 270 4.86 23.14 4.46
N LEU A 271 3.78 22.69 3.79
CA LEU A 271 3.86 22.56 2.38
C LEU A 271 4.12 23.87 1.59
N GLN A 272 3.55 24.96 2.13
CA GLN A 272 3.78 26.31 1.53
CA GLN A 272 3.74 26.30 1.55
C GLN A 272 5.08 26.91 1.98
N ASP A 273 5.40 26.73 3.27
CA ASP A 273 6.58 27.35 3.80
C ASP A 273 7.89 26.78 3.37
N ARG A 274 7.94 25.48 3.08
CA ARG A 274 9.21 24.89 2.71
C ARG A 274 9.91 25.62 1.57
N ARG A 275 11.21 25.81 1.69
CA ARG A 275 11.98 26.50 0.67
C ARG A 275 12.48 25.48 -0.30
N ALA A 276 11.58 24.99 -1.15
CA ALA A 276 11.90 23.83 -2.03
C ALA A 276 12.96 24.10 -3.02
N GLU A 277 13.07 25.34 -3.46
CA GLU A 277 14.14 25.61 -4.40
C GLU A 277 15.50 25.60 -3.85
N LEU A 278 15.63 25.84 -2.51
CA LEU A 278 16.90 25.60 -1.87
C LEU A 278 17.07 24.14 -1.53
N HIS A 279 16.01 23.54 -0.93
CA HIS A 279 16.09 22.14 -0.51
C HIS A 279 16.56 21.26 -1.65
N ARG A 280 16.08 21.53 -2.83
CA ARG A 280 16.47 20.65 -3.93
C ARG A 280 17.94 20.65 -4.25
N ASN A 281 18.64 21.71 -3.93
CA ASN A 281 20.04 21.76 -4.14
C ASN A 281 20.84 21.19 -3.03
N TRP A 282 20.19 20.88 -1.91
CA TRP A 282 20.90 20.43 -0.76
C TRP A 282 20.78 18.96 -0.39
N LEU A 283 19.98 18.21 -1.11
CA LEU A 283 19.92 16.79 -0.86
C LEU A 283 21.09 16.08 -1.39
C1 PEG B . 1.83 -1.89 -14.55
O1 PEG B . 0.78 -2.80 -14.48
C2 PEG B . 2.48 -1.35 -13.26
O2 PEG B . 2.81 0.22 -13.57
C3 PEG B . 3.90 1.16 -13.21
C4 PEG B . 4.03 1.81 -14.59
O4 PEG B . 3.22 2.98 -14.75
C1 PEG C . 16.41 -8.77 -11.71
O1 PEG C . 17.33 -9.62 -12.47
C2 PEG C . 16.61 -7.19 -11.79
O2 PEG C . 17.97 -6.85 -11.19
C3 PEG C . 18.21 -5.48 -10.97
C4 PEG C . 19.13 -4.73 -11.97
O4 PEG C . 20.48 -5.21 -11.93
CA ROP D . 9.66 -2.16 4.75
CB ROP D . 10.54 -3.14 4.04
CG ROP D . 9.97 -3.24 2.64
OD1 ROP D . 10.20 -2.29 1.98
ND2 ROP D . 9.33 -4.38 2.06
CA ROP E . 13.73 0.02 8.01
CB ROP E . 12.86 -1.15 8.28
CG ROP E . 12.43 -1.97 7.10
OD1 ROP E . 12.57 -3.20 6.89
ND2 ROP E . 11.75 -1.23 6.30
CL CL F . 6.17 15.71 -6.72
#